data_6XYM
#
_entry.id   6XYM
#
_cell.length_a   60.731
_cell.length_b   63.855
_cell.length_c   66.792
_cell.angle_alpha   90.000
_cell.angle_beta   90.000
_cell.angle_gamma   90.000
#
_symmetry.space_group_name_H-M   'P 2 21 21'
#
loop_
_entity.id
_entity.type
_entity.pdbx_description
1 polymer Nbe-LBM
2 non-polymer 'TERBIUM(III) ION'
3 water water
#
_entity_poly.entity_id   1
_entity_poly.type   'polypeptide(L)'
_entity_poly.pdbx_seq_one_letter_code
;QVQLQESGGGLVQAGGSLRLSCAASGGTFKSGGMAWFRQADTNNDGWIEGDELKAREFAAGISWSGGSTDYEDSVKGRFT
ISRDNAKNTMYLQMNSLKPEDTAVYYCAAARRFRAGVVTRADDVDYWGKGTQVTVSSHHHHHH
;
_entity_poly.pdbx_strand_id   A,B
#
loop_
_chem_comp.id
_chem_comp.type
_chem_comp.name
_chem_comp.formula
TB non-polymer 'TERBIUM(III) ION' 'Tb 3'
#
# COMPACT_ATOMS: atom_id res chain seq x y z
N GLN A 1 16.49 16.13 -0.53
CA GLN A 1 16.49 16.27 -1.99
C GLN A 1 16.71 14.89 -2.62
N VAL A 2 17.31 13.91 -1.89
CA VAL A 2 17.45 12.52 -2.45
C VAL A 2 16.04 12.04 -2.79
N GLN A 3 15.91 11.48 -3.96
CA GLN A 3 14.62 10.85 -4.38
C GLN A 3 14.91 9.46 -4.89
N LEU A 4 14.06 8.50 -4.50
CA LEU A 4 14.17 7.08 -4.96
C LEU A 4 12.88 6.77 -5.68
N GLN A 5 13.02 6.32 -6.91
CA GLN A 5 11.80 6.04 -7.72
C GLN A 5 11.82 4.61 -8.26
N GLU A 6 10.94 3.81 -7.68
CA GLU A 6 10.79 2.39 -8.06
C GLU A 6 9.92 2.25 -9.33
N SER A 7 10.21 1.15 -10.06
CA SER A 7 9.36 0.68 -11.16
CA SER A 7 9.38 0.67 -11.18
C SER A 7 9.48 -0.84 -11.26
N GLY A 8 8.57 -1.44 -12.02
CA GLY A 8 8.72 -2.85 -12.41
C GLY A 8 7.66 -3.71 -11.77
N GLY A 9 6.93 -3.26 -10.76
CA GLY A 9 5.87 -4.06 -10.11
C GLY A 9 4.78 -4.31 -11.10
N GLY A 10 4.09 -5.40 -10.91
CA GLY A 10 2.98 -5.72 -11.77
C GLY A 10 2.29 -6.98 -11.30
N LEU A 11 1.30 -7.38 -12.09
CA LEU A 11 0.48 -8.59 -11.88
C LEU A 11 1.15 -9.72 -12.65
N VAL A 12 1.44 -10.83 -11.96
CA VAL A 12 2.16 -11.98 -12.58
C VAL A 12 1.58 -13.25 -12.00
N GLN A 13 1.58 -14.28 -12.82
CA GLN A 13 1.19 -15.61 -12.34
C GLN A 13 2.29 -16.21 -11.52
N ALA A 14 1.89 -16.94 -10.47
CA ALA A 14 2.83 -17.71 -9.67
C ALA A 14 3.73 -18.53 -10.57
N GLY A 15 5.03 -18.61 -10.27
CA GLY A 15 6.11 -19.22 -11.06
C GLY A 15 6.73 -18.29 -12.07
N GLY A 16 6.11 -17.13 -12.31
CA GLY A 16 6.59 -16.12 -13.25
C GLY A 16 7.67 -15.27 -12.60
N SER A 17 8.00 -14.18 -13.30
CA SER A 17 9.15 -13.33 -12.88
CA SER A 17 9.20 -13.35 -12.97
C SER A 17 8.83 -11.88 -13.13
N LEU A 18 9.51 -11.02 -12.35
CA LEU A 18 9.45 -9.55 -12.49
C LEU A 18 10.87 -9.02 -12.28
N ARG A 19 11.16 -7.82 -12.82
CA ARG A 19 12.45 -7.17 -12.51
C ARG A 19 12.15 -5.76 -12.00
N LEU A 20 12.35 -5.52 -10.72
CA LEU A 20 12.17 -4.18 -10.19
C LEU A 20 13.42 -3.33 -10.46
N SER A 21 13.20 -2.02 -10.58
CA SER A 21 14.32 -1.05 -10.64
CA SER A 21 14.27 -1.00 -10.73
C SER A 21 14.04 0.11 -9.68
N CYS A 22 15.15 0.68 -9.22
CA CYS A 22 15.10 1.87 -8.37
C CYS A 22 16.13 2.85 -8.94
N ALA A 23 15.67 4.02 -9.33
CA ALA A 23 16.51 5.14 -9.81
C ALA A 23 16.67 6.18 -8.70
N ALA A 24 17.90 6.37 -8.30
CA ALA A 24 18.22 7.34 -7.23
C ALA A 24 18.62 8.66 -7.89
N SER A 25 18.11 9.80 -7.37
CA SER A 25 18.45 11.13 -7.89
C SER A 25 18.61 12.07 -6.70
N GLY A 26 19.15 13.24 -6.98
CA GLY A 26 19.15 14.28 -5.94
C GLY A 26 20.33 14.19 -5.00
N GLY A 27 21.36 13.48 -5.36
CA GLY A 27 22.59 13.31 -4.58
C GLY A 27 23.50 12.29 -5.21
N THR A 28 24.67 12.14 -4.61
CA THR A 28 25.79 11.23 -4.98
CA THR A 28 25.70 11.17 -5.06
C THR A 28 25.70 10.01 -4.06
N PHE A 29 25.87 8.80 -4.63
CA PHE A 29 25.84 7.52 -3.90
C PHE A 29 27.22 6.95 -4.17
N LYS A 30 28.13 7.05 -3.23
CA LYS A 30 29.55 6.63 -3.35
C LYS A 30 29.93 5.90 -2.07
N SER A 31 28.95 5.52 -1.26
CA SER A 31 29.20 4.97 0.07
C SER A 31 27.94 4.16 0.46
N GLY A 32 28.10 3.46 1.54
CA GLY A 32 26.96 2.73 2.09
C GLY A 32 26.36 1.71 1.13
N GLY A 33 25.05 1.72 1.12
CA GLY A 33 24.35 0.80 0.25
C GLY A 33 22.93 1.19 0.03
N MET A 34 22.24 0.25 -0.62
CA MET A 34 20.81 0.41 -0.85
CA MET A 34 20.81 0.38 -0.94
C MET A 34 20.14 -0.98 -0.63
N ALA A 35 18.87 -0.98 -0.53
CA ALA A 35 18.16 -2.26 -0.25
C ALA A 35 16.75 -2.19 -0.74
N TRP A 36 16.17 -3.39 -0.91
CA TRP A 36 14.74 -3.55 -1.14
C TRP A 36 14.13 -4.10 0.13
N PHE A 37 13.11 -3.42 0.62
CA PHE A 37 12.27 -3.92 1.69
C PHE A 37 10.90 -4.20 1.12
N ARG A 38 10.05 -4.90 1.88
CA ARG A 38 8.68 -5.13 1.45
C ARG A 38 7.80 -5.05 2.70
N GLN A 39 6.50 -4.94 2.46
CA GLN A 39 5.57 -5.05 3.56
C GLN A 39 5.71 -6.34 4.32
N ALA A 40 5.59 -6.26 5.62
CA ALA A 40 5.77 -7.41 6.51
C ALA A 40 4.41 -7.93 6.95
N ASP A 41 4.23 -9.31 6.78
CA ASP A 41 3.01 -9.96 7.30
C ASP A 41 3.21 -10.30 8.74
N THR A 42 3.08 -9.29 9.58
CA THR A 42 3.46 -9.38 11.00
C THR A 42 2.64 -10.44 11.74
N ASN A 43 1.38 -10.65 11.35
CA ASN A 43 0.62 -11.71 12.07
C ASN A 43 0.75 -13.10 11.40
N ASN A 44 1.56 -13.24 10.38
CA ASN A 44 1.92 -14.59 9.84
C ASN A 44 0.69 -15.36 9.39
N ASP A 45 -0.23 -14.75 8.69
CA ASP A 45 -1.44 -15.43 8.13
C ASP A 45 -1.35 -15.66 6.63
N GLY A 46 -0.33 -15.13 5.95
CA GLY A 46 -0.17 -15.27 4.52
C GLY A 46 -0.66 -14.09 3.71
N TRP A 47 -1.12 -13.03 4.38
CA TRP A 47 -1.73 -11.86 3.73
C TRP A 47 -1.16 -10.59 4.38
N ILE A 48 -1.24 -9.49 3.63
CA ILE A 48 -1.05 -8.11 4.17
C ILE A 48 -2.42 -7.57 4.38
N GLU A 49 -2.66 -7.03 5.61
CA GLU A 49 -3.99 -6.51 5.96
C GLU A 49 -3.84 -5.52 7.13
N GLY A 50 -4.83 -4.70 7.26
CA GLY A 50 -4.86 -3.77 8.38
C GLY A 50 -3.63 -2.84 8.34
N ASP A 51 -2.97 -2.73 9.48
CA ASP A 51 -1.82 -1.83 9.60
C ASP A 51 -0.52 -2.44 9.13
N GLU A 52 -0.55 -3.66 8.62
CA GLU A 52 0.66 -4.25 8.05
C GLU A 52 1.11 -3.49 6.79
N LEU A 53 0.22 -2.67 6.23
CA LEU A 53 0.69 -1.86 5.09
C LEU A 53 1.90 -0.97 5.43
N LYS A 54 2.04 -0.64 6.71
CA LYS A 54 3.17 0.23 7.18
C LYS A 54 4.34 -0.55 7.69
N ALA A 55 4.20 -1.88 7.88
CA ALA A 55 5.29 -2.68 8.42
C ALA A 55 6.30 -3.01 7.31
N ARG A 56 7.56 -3.16 7.71
CA ARG A 56 8.65 -3.33 6.74
C ARG A 56 9.56 -4.47 7.17
N GLU A 57 9.99 -5.22 6.16
CA GLU A 57 11.00 -6.27 6.35
C GLU A 57 11.97 -6.25 5.17
N PHE A 58 13.20 -6.60 5.50
CA PHE A 58 14.26 -6.67 4.51
C PHE A 58 14.02 -7.79 3.50
N ALA A 59 14.24 -7.53 2.22
CA ALA A 59 14.26 -8.58 1.17
C ALA A 59 15.65 -8.84 0.64
N ALA A 60 16.36 -7.79 0.25
CA ALA A 60 17.66 -7.95 -0.40
C ALA A 60 18.42 -6.61 -0.31
N GLY A 61 19.73 -6.67 -0.27
CA GLY A 61 20.51 -5.44 -0.13
C GLY A 61 21.81 -5.55 -0.84
N ILE A 62 22.42 -4.42 -1.10
CA ILE A 62 23.66 -4.40 -1.92
C ILE A 62 24.49 -3.20 -1.47
N SER A 63 25.80 -3.40 -1.38
CA SER A 63 26.73 -2.28 -1.15
C SER A 63 26.82 -1.40 -2.39
N TRP A 64 27.21 -0.13 -2.22
CA TRP A 64 27.20 0.82 -3.34
C TRP A 64 28.04 0.40 -4.57
N SER A 65 29.09 -0.39 -4.41
CA SER A 65 30.00 -0.85 -5.49
C SER A 65 29.32 -2.05 -6.18
N GLY A 66 28.34 -2.69 -5.52
CA GLY A 66 27.71 -3.97 -5.96
C GLY A 66 28.49 -5.17 -5.48
N GLY A 67 29.59 -4.90 -4.76
CA GLY A 67 30.59 -5.90 -4.37
C GLY A 67 30.01 -6.83 -3.34
N SER A 68 28.94 -6.45 -2.62
CA SER A 68 28.44 -7.28 -1.48
C SER A 68 26.92 -7.31 -1.49
N THR A 69 26.33 -8.49 -1.30
CA THR A 69 24.86 -8.66 -1.27
C THR A 69 24.43 -9.55 -0.12
N ASP A 70 23.21 -9.37 0.25
CA ASP A 70 22.56 -10.30 1.20
C ASP A 70 21.08 -10.33 0.90
N TYR A 71 20.41 -11.38 1.40
CA TYR A 71 19.00 -11.71 1.10
C TYR A 71 18.32 -12.29 2.33
N GLU A 72 17.05 -11.99 2.43
CA GLU A 72 16.16 -12.73 3.33
C GLU A 72 16.25 -14.24 2.92
N ASP A 73 16.26 -15.14 3.89
CA ASP A 73 16.51 -16.58 3.60
C ASP A 73 15.51 -17.12 2.58
N SER A 74 14.25 -16.72 2.65
CA SER A 74 13.17 -17.34 1.86
C SER A 74 13.17 -16.83 0.42
N VAL A 75 14.03 -15.86 0.04
CA VAL A 75 14.15 -15.44 -1.38
C VAL A 75 15.47 -15.92 -1.97
N LYS A 76 16.39 -16.47 -1.18
CA LYS A 76 17.67 -16.99 -1.75
C LYS A 76 17.40 -18.04 -2.83
N GLY A 77 18.11 -17.95 -3.95
CA GLY A 77 17.96 -18.86 -5.08
C GLY A 77 16.86 -18.40 -5.98
N ARG A 78 16.07 -17.38 -5.59
CA ARG A 78 14.95 -16.92 -6.44
C ARG A 78 15.21 -15.48 -6.86
N PHE A 79 15.62 -14.63 -5.92
CA PHE A 79 15.84 -13.18 -6.19
C PHE A 79 17.31 -12.89 -6.34
N THR A 80 17.64 -11.92 -7.19
CA THR A 80 19.04 -11.43 -7.38
C THR A 80 19.03 -9.89 -7.40
N ILE A 81 19.81 -9.31 -6.51
CA ILE A 81 19.94 -7.82 -6.50
C ILE A 81 21.21 -7.49 -7.29
N SER A 82 21.21 -6.31 -7.92
CA SER A 82 22.40 -5.83 -8.62
C SER A 82 22.30 -4.32 -8.70
N ARG A 83 23.39 -3.65 -9.10
CA ARG A 83 23.40 -2.15 -9.17
C ARG A 83 24.30 -1.71 -10.29
N ASP A 84 23.89 -0.62 -10.95
CA ASP A 84 24.70 0.06 -11.99
C ASP A 84 25.13 1.43 -11.41
N ASN A 85 26.36 1.54 -10.90
CA ASN A 85 26.83 2.71 -10.10
C ASN A 85 26.85 3.93 -10.99
N ALA A 86 27.22 3.75 -12.26
CA ALA A 86 27.31 4.88 -13.22
C ALA A 86 25.91 5.46 -13.44
N LYS A 87 24.85 4.63 -13.44
CA LYS A 87 23.43 5.09 -13.64
C LYS A 87 22.70 5.31 -12.30
N ASN A 88 23.35 5.12 -11.17
CA ASN A 88 22.69 5.26 -9.85
C ASN A 88 21.36 4.48 -9.84
N THR A 89 21.35 3.26 -10.38
CA THR A 89 20.12 2.42 -10.36
C THR A 89 20.42 1.05 -9.82
N MET A 90 19.44 0.55 -9.09
CA MET A 90 19.48 -0.78 -8.42
C MET A 90 18.33 -1.59 -9.00
N TYR A 91 18.56 -2.90 -9.09
CA TYR A 91 17.58 -3.85 -9.67
C TYR A 91 17.31 -4.98 -8.70
N LEU A 92 16.10 -5.56 -8.82
CA LEU A 92 15.78 -6.83 -8.15
C LEU A 92 15.15 -7.75 -9.20
N GLN A 93 15.92 -8.78 -9.55
CA GLN A 93 15.36 -9.84 -10.42
C GLN A 93 14.62 -10.85 -9.55
N MET A 94 13.32 -11.00 -9.80
CA MET A 94 12.46 -11.87 -8.97
C MET A 94 11.98 -13.04 -9.84
N ASN A 95 12.62 -14.18 -9.65
CA ASN A 95 12.20 -15.40 -10.38
C ASN A 95 11.44 -16.32 -9.45
N SER A 96 10.80 -17.29 -10.11
CA SER A 96 10.07 -18.31 -9.36
C SER A 96 9.18 -17.62 -8.34
N LEU A 97 8.42 -16.62 -8.77
CA LEU A 97 7.58 -15.88 -7.81
C LEU A 97 6.52 -16.76 -7.15
N LYS A 98 6.30 -16.56 -5.90
CA LYS A 98 5.34 -17.31 -5.08
CA LYS A 98 5.35 -17.31 -5.06
C LYS A 98 4.21 -16.39 -4.67
N PRO A 99 3.01 -16.90 -4.44
CA PRO A 99 1.89 -16.04 -4.00
C PRO A 99 2.23 -15.15 -2.78
N GLU A 100 2.93 -15.66 -1.82
CA GLU A 100 3.25 -14.88 -0.62
C GLU A 100 4.42 -13.92 -0.86
N ASP A 101 4.92 -13.81 -2.06
CA ASP A 101 5.80 -12.67 -2.40
C ASP A 101 4.96 -11.45 -2.66
N THR A 102 3.67 -11.51 -2.70
CA THR A 102 2.76 -10.39 -2.95
C THR A 102 2.94 -9.34 -1.83
N ALA A 103 3.25 -8.09 -2.25
CA ALA A 103 3.53 -7.00 -1.29
C ALA A 103 3.93 -5.80 -2.12
N VAL A 104 3.89 -4.62 -1.44
CA VAL A 104 4.65 -3.45 -1.91
C VAL A 104 6.12 -3.67 -1.56
N TYR A 105 6.97 -3.36 -2.55
CA TYR A 105 8.43 -3.40 -2.40
C TYR A 105 8.91 -1.94 -2.48
N TYR A 106 9.81 -1.60 -1.53
CA TYR A 106 10.30 -0.22 -1.35
C TYR A 106 11.79 -0.24 -1.52
N CYS A 107 12.28 0.74 -2.29
CA CYS A 107 13.73 1.02 -2.37
CA CYS A 107 13.76 0.91 -2.29
C CYS A 107 14.16 1.87 -1.15
N ALA A 108 15.32 1.57 -0.68
CA ALA A 108 15.84 2.19 0.55
C ALA A 108 17.28 2.55 0.34
N ALA A 109 17.68 3.76 0.81
CA ALA A 109 19.08 4.20 0.69
C ALA A 109 19.70 4.45 2.05
N ALA A 110 20.89 3.98 2.25
CA ALA A 110 21.65 4.11 3.52
C ALA A 110 23.11 4.39 3.13
N ARG A 111 23.36 5.67 2.79
CA ARG A 111 24.69 6.09 2.31
C ARG A 111 25.75 6.01 3.40
N ARG A 112 25.34 5.98 4.68
CA ARG A 112 26.35 5.99 5.76
C ARG A 112 26.47 4.61 6.42
N PHE A 113 25.85 3.59 5.82
CA PHE A 113 25.87 2.26 6.47
C PHE A 113 27.25 1.62 6.32
N ARG A 114 27.91 1.24 7.42
CA ARG A 114 29.36 0.90 7.41
C ARG A 114 29.56 -0.59 7.03
N ALA A 115 28.57 -1.48 7.12
CA ALA A 115 28.77 -2.91 6.77
C ALA A 115 28.15 -3.19 5.39
N GLY A 116 27.92 -2.18 4.55
CA GLY A 116 27.56 -2.35 3.12
C GLY A 116 26.12 -2.74 2.90
N VAL A 117 25.66 -3.83 3.55
CA VAL A 117 24.28 -4.31 3.29
C VAL A 117 23.38 -3.95 4.47
N VAL A 118 22.59 -2.90 4.27
CA VAL A 118 21.63 -2.46 5.32
C VAL A 118 20.48 -3.46 5.39
N THR A 119 20.11 -3.80 6.59
CA THR A 119 19.02 -4.77 6.77
C THR A 119 17.92 -4.31 7.73
N ARG A 120 18.14 -3.25 8.50
CA ARG A 120 17.15 -2.80 9.48
C ARG A 120 16.52 -1.50 8.98
N ALA A 121 15.24 -1.37 9.00
CA ALA A 121 14.48 -0.22 8.52
C ALA A 121 14.95 1.04 9.27
N ASP A 122 15.29 0.96 10.55
CA ASP A 122 15.71 2.20 11.29
C ASP A 122 16.99 2.76 10.74
N ASP A 123 17.82 1.99 10.05
CA ASP A 123 19.13 2.44 9.50
C ASP A 123 18.98 3.12 8.16
N VAL A 124 17.78 3.19 7.63
CA VAL A 124 17.55 3.76 6.31
C VAL A 124 17.26 5.26 6.45
N ASP A 125 17.86 6.03 5.56
CA ASP A 125 17.60 7.48 5.55
C ASP A 125 16.47 7.83 4.60
N TYR A 126 16.45 7.19 3.39
CA TYR A 126 15.53 7.60 2.33
C TYR A 126 14.73 6.37 1.86
N TRP A 127 13.49 6.57 1.63
CA TRP A 127 12.56 5.50 1.15
C TRP A 127 11.89 5.97 -0.12
N GLY A 128 11.72 5.05 -1.07
CA GLY A 128 10.76 5.30 -2.12
C GLY A 128 9.34 5.04 -1.69
N LYS A 129 8.38 5.42 -2.51
CA LYS A 129 6.96 5.20 -2.22
C LYS A 129 6.53 3.76 -2.56
N GLY A 130 7.38 3.03 -3.23
CA GLY A 130 7.10 1.59 -3.48
C GLY A 130 6.59 1.29 -4.87
N THR A 131 6.61 -0.01 -5.19
CA THR A 131 5.92 -0.57 -6.37
C THR A 131 5.23 -1.86 -5.92
N GLN A 132 4.02 -2.07 -6.41
CA GLN A 132 3.21 -3.19 -5.86
CA GLN A 132 3.21 -3.20 -5.86
C GLN A 132 3.45 -4.44 -6.74
N VAL A 133 3.87 -5.51 -6.09
CA VAL A 133 4.05 -6.85 -6.71
C VAL A 133 2.87 -7.71 -6.34
N THR A 134 2.15 -8.19 -7.33
CA THR A 134 0.92 -8.96 -7.11
C THR A 134 1.00 -10.29 -7.84
N VAL A 135 1.12 -11.36 -7.08
CA VAL A 135 1.32 -12.72 -7.65
C VAL A 135 0.02 -13.50 -7.53
N SER A 136 -0.55 -13.88 -8.67
N SER A 136 -0.57 -13.85 -8.65
CA SER A 136 -1.86 -14.60 -8.76
CA SER A 136 -1.81 -14.65 -8.67
C SER A 136 -1.66 -16.11 -8.99
C SER A 136 -1.49 -16.15 -8.74
N SER A 137 -2.44 -16.99 -8.33
CA SER A 137 -2.45 -18.49 -8.63
C SER A 137 -3.34 -18.82 -9.82
N VAL B 2 -4.59 19.07 12.49
CA VAL B 2 -5.67 18.07 12.08
C VAL B 2 -5.02 16.75 11.70
N GLN B 3 -5.40 15.65 12.33
CA GLN B 3 -4.83 14.34 11.96
C GLN B 3 -5.98 13.34 11.77
N LEU B 4 -5.91 12.47 10.75
CA LEU B 4 -6.93 11.40 10.55
C LEU B 4 -6.26 10.03 10.80
N GLN B 5 -6.94 9.18 11.57
CA GLN B 5 -6.43 7.84 11.97
C GLN B 5 -7.48 6.78 11.57
N GLU B 6 -7.17 5.96 10.54
CA GLU B 6 -8.07 4.88 10.10
C GLU B 6 -7.81 3.61 10.91
N SER B 7 -8.87 2.84 11.16
CA SER B 7 -8.80 1.50 11.81
C SER B 7 -9.79 0.57 11.14
N GLY B 8 -9.57 -0.74 11.33
CA GLY B 8 -10.61 -1.72 11.03
C GLY B 8 -10.27 -2.52 9.81
N GLY B 9 -9.21 -2.21 9.09
CA GLY B 9 -8.84 -3.01 7.94
C GLY B 9 -8.46 -4.40 8.40
N GLY B 10 -8.64 -5.40 7.55
CA GLY B 10 -8.27 -6.76 7.93
C GLY B 10 -8.57 -7.69 6.80
N LEU B 11 -8.46 -8.98 7.08
CA LEU B 11 -8.65 -10.08 6.11
C LEU B 11 -10.06 -10.63 6.31
N VAL B 12 -10.83 -10.72 5.24
CA VAL B 12 -12.20 -11.28 5.36
C VAL B 12 -12.42 -12.17 4.15
N GLN B 13 -13.22 -13.23 4.30
N GLN B 13 -13.26 -13.20 4.23
CA GLN B 13 -13.62 -14.04 3.13
CA GLN B 13 -13.66 -13.98 3.04
C GLN B 13 -14.60 -13.19 2.30
C GLN B 13 -14.65 -13.15 2.19
N ALA B 14 -14.64 -13.56 0.99
N ALA B 14 -14.60 -13.38 0.85
CA ALA B 14 -15.51 -13.01 -0.08
CA ALA B 14 -15.62 -12.89 -0.10
C ALA B 14 -16.97 -13.20 0.30
C ALA B 14 -17.01 -13.15 0.50
N GLY B 15 -17.80 -12.23 -0.13
N GLY B 15 -17.64 -12.09 1.01
CA GLY B 15 -19.22 -12.12 0.24
CA GLY B 15 -18.98 -12.11 1.61
C GLY B 15 -19.40 -11.58 1.65
C GLY B 15 -18.95 -11.96 3.13
N GLY B 16 -18.31 -11.47 2.41
N GLY B 16 -17.79 -11.84 3.78
CA GLY B 16 -18.33 -11.09 3.83
CA GLY B 16 -17.70 -11.50 5.21
C GLY B 16 -18.30 -9.59 4.02
C GLY B 16 -17.82 -9.99 5.47
N SER B 17 -17.79 -9.15 5.19
N SER B 17 -17.68 -9.63 6.76
CA SER B 17 -17.98 -7.77 5.71
CA SER B 17 -17.80 -8.20 7.12
C SER B 17 -16.88 -7.35 6.71
C SER B 17 -16.49 -7.62 7.65
N LEU B 18 -16.64 -6.04 6.81
N LEU B 18 -16.39 -6.33 7.41
CA LEU B 18 -15.71 -5.42 7.81
CA LEU B 18 -15.36 -5.43 7.96
C LEU B 18 -16.19 -4.04 8.20
C LEU B 18 -16.02 -4.10 8.19
N ARG B 19 -15.81 -3.57 9.39
CA ARG B 19 -16.22 -2.17 9.71
C ARG B 19 -14.98 -1.29 9.71
N LEU B 20 -14.90 -0.23 8.88
CA LEU B 20 -13.76 0.74 8.97
C LEU B 20 -14.14 1.91 9.88
N SER B 21 -13.18 2.45 10.62
CA SER B 21 -13.37 3.62 11.52
C SER B 21 -12.33 4.68 11.15
N CYS B 22 -12.68 5.95 11.31
CA CYS B 22 -11.66 7.04 11.18
C CYS B 22 -11.94 8.07 12.26
N ALA B 23 -10.93 8.33 13.09
CA ALA B 23 -11.03 9.34 14.17
C ALA B 23 -10.27 10.59 13.73
N ALA B 24 -10.95 11.73 13.80
CA ALA B 24 -10.34 13.03 13.47
C ALA B 24 -9.98 13.70 14.80
N SER B 25 -8.75 14.19 14.91
CA SER B 25 -8.28 14.98 16.09
C SER B 25 -7.75 16.34 15.59
N GLY B 26 -8.00 17.42 16.33
CA GLY B 26 -7.40 18.76 16.07
C GLY B 26 -8.33 19.71 15.31
N GLY B 27 -9.60 19.29 15.16
CA GLY B 27 -10.66 19.98 14.39
C GLY B 27 -11.84 19.04 14.17
N LYS B 30 -17.58 19.92 10.92
CA LYS B 30 -18.95 20.49 10.93
C LYS B 30 -19.20 21.32 9.67
N SER B 31 -18.16 22.02 9.19
CA SER B 31 -18.14 22.90 7.99
C SER B 31 -18.09 22.12 6.66
N GLY B 32 -18.09 20.77 6.69
CA GLY B 32 -17.94 19.98 5.45
C GLY B 32 -18.31 18.52 5.67
N GLY B 33 -17.36 17.59 5.50
CA GLY B 33 -17.64 16.19 5.84
C GLY B 33 -16.45 15.29 5.64
N MET B 34 -16.68 13.99 5.65
CA MET B 34 -15.55 13.07 5.66
C MET B 34 -15.88 11.97 4.65
N ALA B 35 -14.86 11.26 4.17
CA ALA B 35 -15.06 10.34 3.03
C ALA B 35 -14.03 9.23 3.10
N TRP B 36 -14.35 8.12 2.43
CA TRP B 36 -13.43 6.97 2.24
C TRP B 36 -13.04 6.97 0.77
N PHE B 37 -11.74 6.99 0.48
CA PHE B 37 -11.14 6.73 -0.87
C PHE B 37 -10.42 5.38 -0.80
N ARG B 38 -10.18 4.75 -1.96
CA ARG B 38 -9.36 3.52 -2.02
C ARG B 38 -8.40 3.63 -3.21
N GLN B 39 -7.38 2.77 -3.24
CA GLN B 39 -6.49 2.69 -4.40
C GLN B 39 -7.28 2.37 -5.66
N ALA B 40 -6.97 3.06 -6.75
CA ALA B 40 -7.65 2.93 -8.05
C ALA B 40 -6.95 1.86 -8.93
N ASP B 41 -7.83 0.76 -9.35
CA ASP B 41 -7.32 -0.20 -10.35
C ASP B 41 -7.43 0.47 -11.73
N THR B 42 -6.42 1.26 -12.07
CA THR B 42 -6.51 2.16 -13.25
C THR B 42 -6.55 1.31 -14.52
N ASN B 43 -5.97 0.11 -14.53
CA ASN B 43 -5.93 -0.72 -15.77
C ASN B 43 -7.08 -1.72 -15.76
N ASN B 44 -7.97 -1.71 -14.76
CA ASN B 44 -9.25 -2.47 -14.73
C ASN B 44 -8.98 -3.97 -14.85
N ASP B 45 -7.93 -4.49 -14.26
CA ASP B 45 -7.65 -5.95 -14.34
C ASP B 45 -8.25 -6.65 -13.13
N GLY B 46 -8.74 -5.91 -12.14
CA GLY B 46 -9.34 -6.40 -10.90
C GLY B 46 -8.36 -6.44 -9.74
N TRP B 47 -7.10 -6.08 -9.96
N TRP B 47 -7.10 -6.07 -9.96
CA TRP B 47 -6.05 -6.11 -8.92
CA TRP B 47 -6.07 -6.10 -8.89
C TRP B 47 -5.48 -4.69 -8.80
C TRP B 47 -5.42 -4.72 -8.83
N ILE B 48 -4.79 -4.46 -7.67
CA ILE B 48 -3.85 -3.32 -7.49
C ILE B 48 -2.44 -3.87 -7.71
N GLU B 49 -1.68 -3.21 -8.58
CA GLU B 49 -0.31 -3.65 -8.88
C GLU B 49 0.46 -2.45 -9.45
N GLY B 50 1.77 -2.63 -9.53
CA GLY B 50 2.60 -1.60 -10.15
C GLY B 50 2.44 -0.26 -9.44
N ASP B 51 2.17 0.80 -10.23
CA ASP B 51 2.09 2.17 -9.66
C ASP B 51 0.67 2.47 -9.18
N GLU B 52 -0.27 1.52 -9.26
CA GLU B 52 -1.66 1.80 -8.84
C GLU B 52 -1.69 2.08 -7.35
N LEU B 53 -0.67 1.67 -6.60
CA LEU B 53 -0.71 1.96 -5.13
C LEU B 53 -0.81 3.46 -4.83
N LYS B 54 -0.47 4.32 -5.80
CA LYS B 54 -0.48 5.81 -5.63
C LYS B 54 -1.80 6.40 -6.10
N ALA B 55 -2.63 5.66 -6.81
CA ALA B 55 -3.87 6.16 -7.44
C ALA B 55 -4.99 6.19 -6.39
N ARG B 56 -5.97 7.09 -6.53
CA ARG B 56 -7.09 7.25 -5.57
C ARG B 56 -8.44 7.31 -6.29
N GLU B 57 -9.47 6.72 -5.67
CA GLU B 57 -10.88 6.71 -6.15
C GLU B 57 -11.86 6.78 -4.95
N PHE B 58 -12.93 7.59 -5.06
CA PHE B 58 -14.02 7.70 -4.05
C PHE B 58 -14.69 6.33 -3.84
N ALA B 59 -15.02 5.96 -2.60
CA ALA B 59 -15.84 4.80 -2.19
C ALA B 59 -17.13 5.26 -1.47
N ALA B 60 -17.03 6.13 -0.46
CA ALA B 60 -18.22 6.56 0.30
C ALA B 60 -17.96 7.88 1.00
N GLY B 61 -19.05 8.61 1.27
CA GLY B 61 -18.89 9.88 1.96
C GLY B 61 -20.18 10.39 2.62
N ILE B 62 -20.01 11.22 3.65
CA ILE B 62 -21.10 11.65 4.57
C ILE B 62 -20.90 13.14 4.94
N SER B 63 -21.96 13.94 4.82
CA SER B 63 -21.97 15.38 5.22
C SER B 63 -22.18 15.42 6.73
N TRP B 64 -21.32 16.14 7.44
CA TRP B 64 -21.48 16.39 8.89
C TRP B 64 -22.75 17.22 9.13
N GLY B 67 -25.99 14.64 7.84
CA GLY B 67 -25.79 13.18 7.73
C GLY B 67 -26.10 12.60 6.36
N SER B 68 -26.14 13.44 5.31
CA SER B 68 -26.35 13.01 3.90
CA SER B 68 -26.36 13.01 3.89
C SER B 68 -25.19 12.12 3.44
N THR B 69 -25.48 11.07 2.68
CA THR B 69 -24.43 10.10 2.26
C THR B 69 -24.35 10.02 0.73
N ASP B 70 -23.22 9.52 0.23
CA ASP B 70 -23.11 9.04 -1.18
C ASP B 70 -22.18 7.81 -1.24
N TYR B 71 -22.30 7.00 -2.29
CA TYR B 71 -21.47 5.79 -2.44
C TYR B 71 -21.05 5.59 -3.89
N GLU B 72 -19.86 5.00 -4.12
CA GLU B 72 -19.49 4.31 -5.38
C GLU B 72 -20.60 3.29 -5.71
N ASP B 73 -21.01 3.25 -6.97
CA ASP B 73 -22.07 2.33 -7.47
C ASP B 73 -21.79 0.88 -7.04
N SER B 74 -20.53 0.41 -7.06
CA SER B 74 -20.15 -1.02 -6.86
C SER B 74 -20.36 -1.42 -5.39
N VAL B 75 -20.64 -0.49 -4.46
CA VAL B 75 -20.62 -0.83 -3.01
C VAL B 75 -21.96 -0.52 -2.30
N LYS B 76 -22.94 -0.03 -3.05
CA LYS B 76 -24.29 0.29 -2.53
C LYS B 76 -25.04 -0.99 -2.12
N GLY B 77 -25.84 -0.93 -1.07
CA GLY B 77 -26.46 -2.12 -0.47
C GLY B 77 -25.44 -2.92 0.32
N ARG B 78 -24.16 -2.81 -0.06
CA ARG B 78 -23.05 -3.56 0.55
C ARG B 78 -22.43 -2.73 1.67
N PHE B 79 -22.14 -1.45 1.39
CA PHE B 79 -21.43 -0.51 2.27
C PHE B 79 -22.43 0.46 2.89
N THR B 80 -22.25 0.79 4.17
CA THR B 80 -23.06 1.79 4.91
C THR B 80 -22.07 2.71 5.65
N ILE B 81 -22.00 3.99 5.29
CA ILE B 81 -21.20 5.04 5.99
C ILE B 81 -22.09 5.69 7.07
N SER B 82 -21.52 5.98 8.24
CA SER B 82 -22.22 6.69 9.37
C SER B 82 -21.23 7.55 10.16
N ARG B 83 -21.71 8.47 11.01
CA ARG B 83 -20.78 9.37 11.75
C ARG B 83 -21.34 9.68 13.14
N ASP B 84 -20.44 9.89 14.12
CA ASP B 84 -20.79 10.27 15.51
C ASP B 84 -20.26 11.70 15.71
N ASN B 85 -21.19 12.66 15.79
CA ASN B 85 -20.89 14.10 15.90
C ASN B 85 -20.01 14.33 17.13
N ALA B 86 -20.43 13.80 18.29
CA ALA B 86 -19.76 14.02 19.60
C ALA B 86 -18.33 13.47 19.55
N LYS B 87 -18.10 12.32 18.88
CA LYS B 87 -16.77 11.63 18.94
C LYS B 87 -15.85 12.07 17.79
N ASN B 88 -16.35 12.83 16.81
CA ASN B 88 -15.56 13.24 15.61
C ASN B 88 -15.04 11.95 14.92
N THR B 89 -15.92 10.98 14.75
CA THR B 89 -15.51 9.67 14.15
C THR B 89 -16.50 9.28 13.06
N MET B 90 -16.03 8.56 12.06
CA MET B 90 -16.86 8.15 10.91
C MET B 90 -16.67 6.63 10.76
N TYR B 91 -17.71 5.84 10.44
CA TYR B 91 -17.63 4.37 10.31
C TYR B 91 -18.00 3.98 8.87
N LEU B 92 -17.32 2.97 8.30
CA LEU B 92 -17.83 2.35 7.06
C LEU B 92 -18.06 0.86 7.35
N GLN B 93 -19.29 0.47 7.00
N GLN B 93 -19.30 0.38 7.56
CA GLN B 93 -19.79 -0.91 6.83
CA GLN B 93 -19.55 -1.06 7.85
C GLN B 93 -19.52 -1.39 5.41
C GLN B 93 -19.55 -1.75 6.50
N MET B 94 -18.74 -2.45 5.29
N MET B 94 -18.51 -2.58 6.25
CA MET B 94 -18.44 -3.09 3.99
CA MET B 94 -18.33 -3.23 4.93
C MET B 94 -19.13 -4.47 3.98
C MET B 94 -18.72 -4.72 5.02
N ASN B 95 -20.27 -4.58 3.28
N ASN B 95 -19.84 -5.06 4.40
CA ASN B 95 -21.03 -5.86 3.16
CA ASN B 95 -20.19 -6.52 4.18
C ASN B 95 -20.96 -6.43 1.74
C ASN B 95 -20.45 -6.90 2.69
N SER B 96 -21.37 -7.70 1.57
N SER B 96 -20.78 -8.19 2.43
CA SER B 96 -21.21 -8.43 0.29
CA SER B 96 -21.11 -8.63 1.04
C SER B 96 -19.80 -8.12 -0.25
C SER B 96 -19.99 -8.08 0.02
N LEU B 97 -18.74 -8.38 0.54
CA LEU B 97 -17.39 -7.96 0.08
C LEU B 97 -16.95 -8.85 -1.09
N LYS B 98 -16.20 -8.30 -2.05
CA LYS B 98 -15.69 -9.06 -3.22
C LYS B 98 -14.17 -8.98 -3.26
N PRO B 99 -13.48 -9.94 -3.90
CA PRO B 99 -12.02 -9.91 -4.06
C PRO B 99 -11.55 -8.55 -4.63
N GLU B 100 -12.29 -7.97 -5.58
CA GLU B 100 -11.89 -6.71 -6.27
C GLU B 100 -12.03 -5.52 -5.30
N ASP B 101 -12.63 -5.74 -4.13
CA ASP B 101 -12.69 -4.66 -3.08
C ASP B 101 -11.34 -4.52 -2.35
N THR B 102 -10.41 -5.42 -2.55
CA THR B 102 -9.10 -5.52 -1.85
C THR B 102 -8.30 -4.28 -2.25
N ALA B 103 -7.84 -3.49 -1.29
CA ALA B 103 -7.11 -2.23 -1.61
C ALA B 103 -6.81 -1.64 -0.26
N VAL B 104 -5.95 -0.62 -0.34
CA VAL B 104 -5.82 0.31 0.83
C VAL B 104 -6.98 1.33 0.75
N TYR B 105 -7.61 1.54 1.88
CA TYR B 105 -8.70 2.51 2.05
C TYR B 105 -8.15 3.65 2.93
N TYR B 106 -8.42 4.90 2.52
CA TYR B 106 -7.84 6.09 3.10
C TYR B 106 -9.01 6.94 3.61
N CYS B 107 -8.96 7.38 4.87
CA CYS B 107 -9.85 8.44 5.43
CA CYS B 107 -9.98 8.40 5.23
C CYS B 107 -9.49 9.81 4.83
N ALA B 108 -10.48 10.65 4.56
CA ALA B 108 -10.29 11.95 3.90
C ALA B 108 -11.29 12.94 4.50
N ALA B 109 -10.91 14.21 4.59
CA ALA B 109 -11.84 15.21 5.16
C ALA B 109 -11.73 16.49 4.37
N ALA B 110 -12.88 17.14 4.21
CA ALA B 110 -12.94 18.49 3.61
C ALA B 110 -13.61 19.43 4.61
N ARG B 111 -12.92 20.54 4.88
CA ARG B 111 -13.40 21.74 5.63
C ARG B 111 -14.10 22.70 4.67
N ARG B 112 -15.12 23.43 5.15
CA ARG B 112 -15.70 24.58 4.42
C ARG B 112 -16.12 24.11 3.02
N PHE B 113 -16.91 23.05 3.01
CA PHE B 113 -17.21 22.30 1.77
C PHE B 113 -18.72 22.22 1.57
N ARG B 114 -19.22 23.00 0.61
CA ARG B 114 -20.66 23.21 0.37
C ARG B 114 -21.41 21.87 0.20
N ALA B 115 -20.86 20.95 -0.60
CA ALA B 115 -21.56 19.75 -1.09
C ALA B 115 -21.70 18.74 0.05
N GLY B 116 -20.95 18.89 1.15
CA GLY B 116 -21.09 18.00 2.31
C GLY B 116 -20.49 16.62 2.08
N VAL B 117 -20.69 16.00 0.90
CA VAL B 117 -20.06 14.69 0.55
C VAL B 117 -18.95 14.95 -0.48
N VAL B 118 -17.68 14.73 -0.10
CA VAL B 118 -16.49 14.99 -0.98
C VAL B 118 -16.23 13.74 -1.81
N THR B 119 -16.21 13.88 -3.15
CA THR B 119 -16.08 12.82 -4.17
C THR B 119 -14.73 12.84 -4.89
N ARG B 120 -14.01 13.97 -4.89
CA ARG B 120 -12.79 14.15 -5.73
C ARG B 120 -11.59 14.29 -4.81
N ALA B 121 -10.48 13.65 -5.20
CA ALA B 121 -9.23 13.62 -4.41
C ALA B 121 -8.69 15.03 -4.25
N ASP B 122 -8.78 15.87 -5.28
CA ASP B 122 -8.16 17.22 -5.27
C ASP B 122 -8.93 18.14 -4.29
N ASP B 123 -10.18 17.81 -3.91
CA ASP B 123 -11.02 18.56 -2.93
C ASP B 123 -10.72 18.13 -1.51
N VAL B 124 -10.00 17.02 -1.34
CA VAL B 124 -9.65 16.56 0.03
C VAL B 124 -8.60 17.51 0.63
N ASP B 125 -8.88 17.94 1.84
CA ASP B 125 -7.97 18.78 2.64
C ASP B 125 -7.05 17.94 3.52
N TYR B 126 -7.52 16.79 4.06
CA TYR B 126 -6.66 16.02 5.00
C TYR B 126 -6.85 14.55 4.68
N TRP B 127 -5.69 13.89 4.64
CA TRP B 127 -5.61 12.43 4.33
C TRP B 127 -5.12 11.63 5.52
N GLY B 128 -5.68 10.44 5.66
CA GLY B 128 -5.05 9.47 6.56
C GLY B 128 -4.06 8.65 5.74
N LYS B 129 -3.27 7.81 6.43
CA LYS B 129 -2.21 6.99 5.76
C LYS B 129 -2.77 5.64 5.28
N GLY B 130 -4.04 5.37 5.58
CA GLY B 130 -4.67 4.16 5.06
C GLY B 130 -4.68 2.96 5.99
N THR B 131 -5.55 2.02 5.61
CA THR B 131 -5.62 0.67 6.20
C THR B 131 -5.87 -0.30 5.04
N GLN B 132 -5.21 -1.47 5.10
CA GLN B 132 -5.39 -2.44 3.99
C GLN B 132 -6.60 -3.36 4.27
N VAL B 133 -7.48 -3.43 3.30
CA VAL B 133 -8.64 -4.36 3.29
C VAL B 133 -8.32 -5.48 2.30
N THR B 134 -8.38 -6.74 2.77
CA THR B 134 -7.91 -7.89 1.96
C THR B 134 -9.02 -8.91 1.95
N VAL B 135 -9.58 -9.18 0.76
CA VAL B 135 -10.77 -10.08 0.66
C VAL B 135 -10.29 -11.37 -0.01
N SER B 136 -10.19 -12.41 0.80
CA SER B 136 -9.82 -13.74 0.29
C SER B 136 -11.02 -14.41 -0.41
N SER B 137 -10.84 -15.63 -0.94
CA SER B 137 -11.99 -16.35 -1.56
C SER B 137 -12.96 -16.76 -0.43
N HIS B 138 -14.16 -17.22 -0.76
CA HIS B 138 -14.96 -17.98 0.26
C HIS B 138 -14.67 -19.49 0.15
TB TB C . -1.24 -10.58 7.80
TB TB D . -4.66 -3.22 -11.81
#